data_9IB7
#
_entry.id   9IB7
#
_cell.length_a   81.823
_cell.length_b   81.823
_cell.length_c   112.777
_cell.angle_alpha   90.000
_cell.angle_beta   90.000
_cell.angle_gamma   90.000
#
_symmetry.space_group_name_H-M   'P 41 21 2'
#
loop_
_entity.id
_entity.type
_entity.pdbx_description
1 polymer 'Photorhabdus luminescens subsp. laumondii TTO1 complete genome segment 15/17'
2 branched alpha-L-fucopyranose-(1-2)-[alpha-D-galactopyranose-(1-3)]beta-D-galactopyranose
3 non-polymer alpha-L-fucopyranose
4 non-polymer alpha-D-galactopyranose
5 water water
#
_entity_poly.entity_id   1
_entity_poly.type   'polypeptide(L)'
_entity_poly.pdbx_seq_one_letter_code
;MSIVFASIDPRSNPLQTSSQNYVDIPGLKLDVSKYSNSPCLTALITLNIPTPYASGNNFPGGNFAIVTDQGEQLAYGGFT
YSSKIPENSGRMPFTLVARYSLASNVSTIKAQWSNIRGSTVHIDSYASISAVIQCNQLV
;
_entity_poly.pdbx_strand_id   A,B,C
#
# COMPACT_ATOMS: atom_id res chain seq x y z
N SER A 2 16.97 9.39 -6.17
CA SER A 2 17.61 8.22 -5.54
C SER A 2 16.64 7.50 -4.63
N ILE A 3 16.97 6.27 -4.28
CA ILE A 3 16.14 5.45 -3.40
C ILE A 3 16.86 5.23 -2.09
N VAL A 4 16.13 5.36 -1.00
CA VAL A 4 16.57 4.97 0.33
CA VAL A 4 16.58 4.96 0.32
C VAL A 4 15.60 3.91 0.86
N PHE A 5 16.12 2.87 1.55
CA PHE A 5 15.30 1.71 1.89
C PHE A 5 15.81 1.00 3.13
N ALA A 6 14.88 0.57 3.96
CA ALA A 6 15.18 -0.32 5.08
C ALA A 6 14.07 -1.34 5.20
N SER A 7 14.44 -2.58 5.55
CA SER A 7 13.44 -3.59 5.82
C SER A 7 13.77 -4.39 7.07
N ILE A 8 12.74 -5.06 7.58
CA ILE A 8 12.90 -5.99 8.68
C ILE A 8 12.18 -7.27 8.27
N ASP A 9 12.51 -8.39 8.94
CA ASP A 9 11.82 -9.67 8.73
C ASP A 9 11.91 -10.39 10.06
N PRO A 10 11.17 -9.96 11.10
CA PRO A 10 11.27 -10.54 12.43
C PRO A 10 10.58 -11.88 12.65
N ARG A 11 10.77 -12.83 11.72
CA ARG A 11 10.08 -14.11 11.82
C ARG A 11 10.55 -14.90 13.05
N SER A 12 11.82 -14.80 13.46
CA SER A 12 12.30 -15.58 14.58
C SER A 12 12.35 -14.76 15.87
N ASN A 13 12.07 -13.45 15.80
CA ASN A 13 12.06 -12.59 16.98
C ASN A 13 10.92 -11.59 16.77
N PRO A 14 9.64 -11.99 16.87
CA PRO A 14 8.51 -11.12 16.53
C PRO A 14 8.49 -9.87 17.39
N LEU A 15 7.98 -8.79 16.80
CA LEU A 15 7.82 -7.54 17.49
C LEU A 15 6.40 -7.35 17.97
N GLN A 16 6.23 -6.65 19.09
CA GLN A 16 4.89 -6.30 19.54
C GLN A 16 4.90 -5.01 20.34
N THR A 17 3.74 -4.37 20.41
CA THR A 17 3.55 -3.27 21.33
C THR A 17 2.15 -3.26 21.87
N SER A 18 2.03 -2.80 23.14
CA SER A 18 0.79 -2.52 23.81
CA SER A 18 0.75 -2.50 23.74
C SER A 18 0.80 -1.06 24.25
N SER A 19 1.68 -0.27 23.64
CA SER A 19 1.80 1.17 23.95
C SER A 19 0.63 1.97 23.41
N GLN A 20 -0.06 2.76 24.24
CA GLN A 20 -1.03 3.71 23.73
C GLN A 20 -0.41 4.92 23.01
N ASN A 21 0.83 5.25 23.34
CA ASN A 21 1.52 6.35 22.68
C ASN A 21 2.43 5.78 21.56
N TYR A 22 2.62 6.55 20.51
CA TYR A 22 3.47 6.12 19.41
C TYR A 22 4.87 5.85 19.92
N VAL A 23 5.45 4.72 19.54
CA VAL A 23 6.82 4.36 19.79
C VAL A 23 7.46 3.81 18.51
N ASP A 24 8.78 3.88 18.44
CA ASP A 24 9.49 3.44 17.26
C ASP A 24 9.30 1.95 16.99
N ILE A 25 9.18 1.60 15.68
CA ILE A 25 9.31 0.21 15.27
C ILE A 25 10.78 -0.04 14.98
N PRO A 26 11.51 -0.84 15.79
CA PRO A 26 12.92 -1.03 15.53
C PRO A 26 13.29 -1.51 14.14
N GLY A 27 14.28 -0.87 13.52
CA GLY A 27 14.80 -1.28 12.23
C GLY A 27 14.13 -0.55 11.05
N LEU A 28 12.96 0.04 11.25
CA LEU A 28 12.27 0.76 10.18
C LEU A 28 12.60 2.26 10.23
N LYS A 29 13.84 2.57 9.89
CA LYS A 29 14.37 3.93 9.97
C LYS A 29 15.19 4.15 8.70
N LEU A 30 15.06 5.37 8.14
CA LEU A 30 15.82 5.80 6.99
C LEU A 30 16.78 6.92 7.41
N ASP A 31 18.05 6.71 7.10
CA ASP A 31 19.06 7.74 7.34
C ASP A 31 19.08 8.65 6.10
N VAL A 32 18.64 9.91 6.29
CA VAL A 32 18.60 10.87 5.20
C VAL A 32 19.62 11.99 5.45
N SER A 33 20.60 11.73 6.33
CA SER A 33 21.62 12.72 6.72
CA SER A 33 21.52 12.82 6.70
C SER A 33 22.34 13.31 5.52
N LYS A 34 22.65 12.48 4.52
CA LYS A 34 23.43 12.96 3.39
C LYS A 34 22.62 13.91 2.49
N TYR A 35 21.28 13.99 2.67
CA TYR A 35 20.42 14.81 1.87
C TYR A 35 19.89 15.99 2.69
N SER A 36 20.21 16.02 3.99
CA SER A 36 19.72 17.06 4.91
C SER A 36 20.18 18.45 4.46
N ASN A 37 19.50 19.47 5.01
CA ASN A 37 19.88 20.85 4.80
C ASN A 37 19.86 21.23 3.32
N SER A 38 18.93 20.63 2.58
CA SER A 38 18.81 20.77 1.14
C SER A 38 17.41 21.24 0.78
N PRO A 39 17.15 22.56 0.68
CA PRO A 39 15.79 23.00 0.36
C PRO A 39 15.23 22.58 -0.99
N CYS A 40 16.11 22.22 -1.91
CA CYS A 40 15.69 21.82 -3.26
C CYS A 40 15.37 20.32 -3.36
N LEU A 41 15.44 19.57 -2.26
CA LEU A 41 15.13 18.12 -2.31
C LEU A 41 13.85 17.79 -1.54
N THR A 42 13.10 16.79 -2.06
CA THR A 42 11.88 16.28 -1.44
C THR A 42 11.93 14.76 -1.39
N ALA A 43 11.44 14.21 -0.31
CA ALA A 43 11.32 12.76 -0.14
C ALA A 43 9.85 12.38 -0.23
N LEU A 44 9.55 11.28 -0.92
CA LEU A 44 8.26 10.62 -0.91
C LEU A 44 8.44 9.27 -0.20
N ILE A 45 7.86 9.13 0.96
CA ILE A 45 8.18 8.01 1.86
C ILE A 45 6.99 7.07 1.88
N THR A 46 7.26 5.76 1.82
CA THR A 46 6.24 4.73 1.92
C THR A 46 6.61 3.74 3.02
N LEU A 47 5.71 3.61 3.99
CA LEU A 47 5.78 2.62 5.05
C LEU A 47 4.87 1.46 4.63
N ASN A 48 5.42 0.26 4.53
CA ASN A 48 4.70 -0.92 4.07
C ASN A 48 4.77 -2.00 5.15
N ILE A 49 3.64 -2.30 5.80
CA ILE A 49 3.56 -3.34 6.83
C ILE A 49 2.51 -4.29 6.31
N PRO A 50 2.90 -5.23 5.43
CA PRO A 50 1.88 -5.98 4.69
C PRO A 50 1.17 -7.05 5.47
N THR A 51 1.65 -7.45 6.67
CA THR A 51 1.06 -8.62 7.34
C THR A 51 0.93 -8.43 8.86
N PRO A 52 0.46 -7.27 9.38
CA PRO A 52 0.35 -7.08 10.82
C PRO A 52 -0.95 -7.73 11.34
N TYR A 53 -1.06 -7.87 12.69
CA TYR A 53 -2.35 -8.20 13.30
C TYR A 53 -2.33 -7.60 14.69
N ALA A 54 -3.51 -7.54 15.30
CA ALA A 54 -3.60 -7.05 16.68
C ALA A 54 -4.49 -8.00 17.46
N SER A 55 -4.07 -8.30 18.68
CA SER A 55 -4.84 -9.16 19.55
C SER A 55 -5.55 -8.30 20.59
N GLY A 56 -6.68 -8.81 21.07
CA GLY A 56 -7.42 -8.10 22.12
C GLY A 56 -8.91 -8.41 22.07
N ASN A 57 -9.67 -7.70 22.94
CA ASN A 57 -11.05 -8.07 23.18
C ASN A 57 -11.95 -6.84 23.19
N ASN A 58 -11.49 -5.73 22.58
CA ASN A 58 -12.31 -4.53 22.45
C ASN A 58 -12.10 -3.86 21.09
N PHE A 59 -12.50 -4.56 20.03
CA PHE A 59 -12.31 -4.13 18.64
C PHE A 59 -10.85 -3.79 18.42
N PRO A 60 -9.95 -4.79 18.52
CA PRO A 60 -8.52 -4.50 18.47
C PRO A 60 -8.09 -3.94 17.11
N GLY A 61 -6.93 -3.29 17.12
CA GLY A 61 -6.32 -2.75 15.91
C GLY A 61 -4.95 -2.21 16.23
N GLY A 62 -4.38 -1.48 15.25
CA GLY A 62 -3.05 -0.93 15.35
C GLY A 62 -2.98 0.37 14.55
N ASN A 63 -2.21 1.32 15.09
CA ASN A 63 -1.94 2.54 14.38
C ASN A 63 -0.47 2.64 14.05
N PHE A 64 -0.16 3.34 12.95
CA PHE A 64 1.19 3.52 12.44
C PHE A 64 1.39 4.97 12.05
N ALA A 65 2.64 5.44 12.15
CA ALA A 65 2.97 6.79 11.75
C ALA A 65 4.37 6.83 11.15
N ILE A 66 4.58 7.85 10.30
CA ILE A 66 5.91 8.20 9.79
C ILE A 66 6.29 9.52 10.47
N VAL A 67 7.48 9.56 11.08
CA VAL A 67 7.89 10.68 11.91
CA VAL A 67 7.90 10.66 11.95
C VAL A 67 9.36 10.98 11.65
N THR A 68 9.77 12.25 11.91
CA THR A 68 11.16 12.66 11.83
C THR A 68 11.87 12.45 13.17
N ASP A 69 13.19 12.52 13.18
CA ASP A 69 13.92 12.39 14.44
C ASP A 69 13.64 13.54 15.41
N GLN A 70 13.09 14.64 14.90
CA GLN A 70 12.66 15.77 15.72
C GLN A 70 11.23 15.59 16.22
N GLY A 71 10.59 14.45 15.92
CA GLY A 71 9.28 14.11 16.46
C GLY A 71 8.11 14.66 15.65
N GLU A 72 8.35 15.19 14.44
CA GLU A 72 7.29 15.70 13.61
C GLU A 72 6.56 14.57 12.89
N GLN A 73 5.25 14.52 13.05
CA GLN A 73 4.47 13.42 12.48
C GLN A 73 4.05 13.80 11.06
N LEU A 74 4.50 13.05 10.04
CA LEU A 74 4.26 13.39 8.65
C LEU A 74 3.03 12.69 8.09
N ALA A 75 2.63 11.57 8.69
CA ALA A 75 1.46 10.80 8.25
C ALA A 75 1.09 9.80 9.34
N TYR A 76 -0.17 9.35 9.34
CA TYR A 76 -0.62 8.34 10.29
C TYR A 76 -1.82 7.62 9.70
N GLY A 77 -2.04 6.42 10.20
CA GLY A 77 -3.28 5.71 9.94
C GLY A 77 -3.30 4.37 10.67
N GLY A 78 -4.28 3.53 10.42
CA GLY A 78 -4.31 2.28 11.13
C GLY A 78 -5.39 1.34 10.61
N PHE A 79 -5.34 0.14 11.15
CA PHE A 79 -6.34 -0.87 10.89
C PHE A 79 -7.11 -1.21 12.16
N THR A 80 -8.36 -1.72 11.99
CA THR A 80 -9.13 -2.28 13.11
C THR A 80 -10.01 -3.40 12.56
N TYR A 81 -10.36 -4.33 13.46
CA TYR A 81 -11.31 -5.38 13.17
C TYR A 81 -12.73 -4.88 13.45
N SER A 82 -13.70 -5.49 12.76
CA SER A 82 -15.10 -5.09 12.85
C SER A 82 -15.81 -5.72 14.04
N SER A 83 -15.26 -6.82 14.58
CA SER A 83 -15.86 -7.53 15.70
C SER A 83 -15.16 -7.18 17.00
N LYS A 84 -15.90 -7.23 18.12
CA LYS A 84 -15.34 -6.78 19.39
C LYS A 84 -14.25 -7.76 19.82
N ILE A 85 -14.48 -9.06 19.62
CA ILE A 85 -13.55 -10.09 20.02
C ILE A 85 -13.34 -11.01 18.82
N PRO A 86 -12.41 -10.67 17.92
CA PRO A 86 -12.19 -11.51 16.73
C PRO A 86 -11.85 -12.94 17.13
N GLU A 87 -12.37 -13.89 16.33
CA GLU A 87 -12.16 -15.30 16.55
C GLU A 87 -10.68 -15.58 16.46
N ASN A 88 -10.01 -15.05 15.43
CA ASN A 88 -8.57 -15.20 15.40
C ASN A 88 -7.96 -14.09 14.55
N SER A 89 -7.39 -13.08 15.21
CA SER A 89 -7.05 -11.80 14.62
C SER A 89 -6.26 -11.97 13.32
N GLY A 90 -6.90 -11.59 12.22
CA GLY A 90 -6.35 -11.83 10.88
C GLY A 90 -5.33 -10.78 10.48
N ARG A 91 -4.66 -11.07 9.37
CA ARG A 91 -3.65 -10.17 8.86
C ARG A 91 -4.32 -9.13 7.98
N MET A 92 -4.02 -7.87 8.30
CA MET A 92 -4.66 -6.72 7.74
CA MET A 92 -4.68 -6.73 7.69
C MET A 92 -3.59 -5.83 7.09
N PRO A 93 -3.29 -6.00 5.79
CA PRO A 93 -2.18 -5.27 5.15
C PRO A 93 -2.34 -3.78 5.33
N PHE A 94 -1.20 -3.11 5.50
CA PHE A 94 -1.21 -1.66 5.70
C PHE A 94 -0.05 -0.97 4.97
N THR A 95 -0.37 0.14 4.28
CA THR A 95 0.62 0.99 3.65
C THR A 95 0.27 2.44 3.98
N LEU A 96 1.30 3.28 4.11
CA LEU A 96 1.14 4.70 4.43
C LEU A 96 2.16 5.50 3.62
N VAL A 97 1.73 6.61 3.01
CA VAL A 97 2.59 7.43 2.21
C VAL A 97 2.62 8.86 2.72
N ALA A 98 3.83 9.40 2.84
CA ALA A 98 4.09 10.74 3.33
C ALA A 98 5.05 11.46 2.38
N ARG A 99 5.14 12.78 2.54
CA ARG A 99 6.05 13.64 1.82
C ARG A 99 6.83 14.49 2.83
N TYR A 100 8.09 14.71 2.56
CA TYR A 100 8.89 15.57 3.40
C TYR A 100 9.93 16.36 2.61
N SER A 101 9.94 17.70 2.81
CA SER A 101 10.99 18.56 2.29
C SER A 101 12.25 18.30 3.11
N LEU A 102 13.40 18.30 2.46
CA LEU A 102 14.67 18.04 3.14
C LEU A 102 15.45 19.33 3.48
N ALA A 103 14.72 20.44 3.62
CA ALA A 103 15.36 21.72 3.94
C ALA A 103 15.99 21.77 5.32
N SER A 104 15.35 21.11 6.29
CA SER A 104 15.78 21.14 7.69
C SER A 104 17.00 20.26 7.93
N ASN A 105 17.47 20.24 9.18
CA ASN A 105 18.62 19.41 9.54
CA ASN A 105 18.60 19.43 9.61
C ASN A 105 18.19 18.00 9.95
N VAL A 106 16.99 17.59 9.54
CA VAL A 106 16.48 16.22 9.75
C VAL A 106 17.54 15.19 9.36
N SER A 107 17.69 14.18 10.21
CA SER A 107 18.66 13.11 10.08
C SER A 107 17.97 11.80 9.69
N THR A 108 16.83 11.56 10.31
CA THR A 108 16.19 10.25 10.26
C THR A 108 14.72 10.46 9.96
N ILE A 109 14.14 9.57 9.13
CA ILE A 109 12.70 9.43 8.98
C ILE A 109 12.37 7.98 9.33
N LYS A 110 11.42 7.79 10.23
CA LYS A 110 11.21 6.47 10.80
C LYS A 110 9.73 6.15 11.05
N ALA A 111 9.48 4.84 11.23
CA ALA A 111 8.16 4.35 11.51
C ALA A 111 7.90 4.27 13.00
N GLN A 112 6.66 4.51 13.40
CA GLN A 112 6.19 4.33 14.76
C GLN A 112 4.87 3.56 14.72
N TRP A 113 4.51 2.97 15.90
CA TRP A 113 3.25 2.30 16.05
C TRP A 113 2.68 2.49 17.46
N SER A 114 1.38 2.28 17.56
CA SER A 114 0.70 2.31 18.84
C SER A 114 -0.51 1.37 18.74
N ASN A 115 -1.09 1.07 19.91
CA ASN A 115 -2.24 0.20 20.00
C ASN A 115 -3.55 0.99 19.94
N ILE A 116 -4.64 0.23 20.02
CA ILE A 116 -5.96 0.85 20.15
CA ILE A 116 -6.01 0.76 20.01
C ILE A 116 -6.82 -0.02 21.04
N ARG A 117 -7.58 0.68 21.92
CA ARG A 117 -8.45 0.01 22.88
C ARG A 117 -7.75 -1.15 23.60
N GLY A 118 -6.50 -0.92 24.03
CA GLY A 118 -5.77 -1.86 24.83
C GLY A 118 -5.27 -3.11 24.09
N SER A 119 -5.29 -3.07 22.74
CA SER A 119 -4.77 -4.19 21.96
C SER A 119 -3.26 -4.39 22.13
N THR A 120 -2.76 -5.49 21.57
CA THR A 120 -1.32 -5.68 21.35
C THR A 120 -1.15 -5.79 19.83
N VAL A 121 -0.32 -4.95 19.25
CA VAL A 121 -0.04 -5.01 17.82
C VAL A 121 1.17 -5.90 17.60
N HIS A 122 1.22 -6.65 16.46
CA HIS A 122 2.28 -7.63 16.22
C HIS A 122 2.79 -7.55 14.78
N ILE A 123 4.10 -7.68 14.63
CA ILE A 123 4.74 -7.84 13.33
C ILE A 123 5.68 -9.04 13.45
N ASP A 124 5.53 -10.05 12.59
CA ASP A 124 6.34 -11.26 12.67
C ASP A 124 6.85 -11.68 11.29
N SER A 125 6.93 -10.71 10.36
CA SER A 125 7.31 -11.03 8.99
C SER A 125 7.73 -9.73 8.30
N TYR A 126 8.10 -9.84 7.01
CA TYR A 126 8.66 -8.74 6.25
CA TYR A 126 8.66 -8.75 6.23
C TYR A 126 7.83 -7.46 6.34
N ALA A 127 8.54 -6.34 6.50
CA ALA A 127 7.96 -5.00 6.44
C ALA A 127 9.08 -4.07 6.00
N SER A 128 8.73 -2.92 5.40
CA SER A 128 9.76 -2.02 4.88
C SER A 128 9.32 -0.56 5.03
N ILE A 129 10.34 0.31 4.98
CA ILE A 129 10.14 1.75 4.83
C ILE A 129 11.08 2.20 3.74
N SER A 130 10.62 3.08 2.85
CA SER A 130 11.38 3.46 1.69
C SER A 130 11.11 4.92 1.31
N ALA A 131 12.00 5.48 0.53
CA ALA A 131 11.76 6.82 0.00
C ALA A 131 12.41 6.98 -1.33
N VAL A 132 11.74 7.79 -2.14
CA VAL A 132 12.24 8.32 -3.40
C VAL A 132 12.58 9.78 -3.14
N ILE A 133 13.85 10.13 -3.39
CA ILE A 133 14.33 11.49 -3.15
C ILE A 133 14.60 12.15 -4.50
N GLN A 134 14.00 13.31 -4.71
CA GLN A 134 14.11 13.99 -5.98
C GLN A 134 14.24 15.50 -5.78
N CYS A 135 14.77 16.17 -6.81
N CYS A 135 14.76 16.18 -6.82
CA CYS A 135 14.82 17.61 -6.86
CA CYS A 135 14.76 17.63 -6.87
C CYS A 135 13.41 18.19 -7.10
C CYS A 135 13.35 18.17 -7.05
N ASN A 136 13.11 19.37 -6.52
CA ASN A 136 11.84 20.05 -6.74
C ASN A 136 11.85 20.75 -8.11
N SER B 2 13.43 6.09 -13.95
CA SER B 2 12.45 5.63 -14.94
C SER B 2 11.38 4.80 -14.27
N ILE B 3 10.30 4.51 -14.99
CA ILE B 3 9.19 3.71 -14.49
C ILE B 3 8.99 2.50 -15.37
N VAL B 4 8.84 1.32 -14.77
CA VAL B 4 8.41 0.12 -15.45
C VAL B 4 7.11 -0.32 -14.77
N PHE B 5 6.18 -0.79 -15.58
CA PHE B 5 4.83 -1.01 -15.10
C PHE B 5 4.16 -2.14 -15.87
N ALA B 6 3.35 -2.92 -15.17
CA ALA B 6 2.46 -3.88 -15.78
C ALA B 6 1.19 -3.95 -14.96
N SER B 7 0.02 -4.00 -15.62
CA SER B 7 -1.24 -4.18 -14.91
C SER B 7 -2.05 -5.26 -15.61
N ILE B 8 -2.99 -5.78 -14.84
CA ILE B 8 -4.01 -6.70 -15.31
C ILE B 8 -5.36 -6.18 -14.88
N ASP B 9 -6.42 -6.66 -15.53
CA ASP B 9 -7.79 -6.32 -15.18
C ASP B 9 -8.66 -7.49 -15.64
N PRO B 10 -8.56 -8.66 -15.00
CA PRO B 10 -9.17 -9.90 -15.54
C PRO B 10 -10.63 -10.08 -15.17
N ARG B 11 -11.42 -9.07 -15.49
CA ARG B 11 -12.81 -9.09 -15.07
C ARG B 11 -13.59 -10.18 -15.81
N SER B 12 -13.27 -10.39 -17.09
CA SER B 12 -14.03 -11.36 -17.88
C SER B 12 -13.48 -12.78 -17.71
N ASN B 13 -12.24 -12.93 -17.24
CA ASN B 13 -11.58 -14.24 -17.09
C ASN B 13 -10.77 -14.18 -15.79
N PRO B 14 -11.48 -14.15 -14.65
CA PRO B 14 -10.79 -14.03 -13.36
C PRO B 14 -9.72 -15.08 -13.07
N LEU B 15 -8.74 -14.67 -12.26
CA LEU B 15 -7.63 -15.53 -11.84
C LEU B 15 -7.92 -16.09 -10.45
N GLN B 16 -7.37 -17.26 -10.19
CA GLN B 16 -7.44 -17.85 -8.87
C GLN B 16 -6.26 -18.79 -8.65
N THR B 17 -5.95 -19.10 -7.37
CA THR B 17 -4.98 -20.15 -7.07
C THR B 17 -5.39 -20.81 -5.77
N SER B 18 -5.23 -22.14 -5.74
CA SER B 18 -5.25 -22.93 -4.53
C SER B 18 -3.91 -23.62 -4.38
N SER B 19 -2.84 -23.08 -4.99
CA SER B 19 -1.52 -23.69 -4.89
C SER B 19 -0.93 -23.43 -3.52
N GLN B 20 -0.42 -24.47 -2.85
CA GLN B 20 0.23 -24.32 -1.55
C GLN B 20 1.59 -23.61 -1.69
N ASN B 21 2.22 -23.80 -2.85
CA ASN B 21 3.50 -23.23 -3.19
CA ASN B 21 3.51 -23.18 -3.13
C ASN B 21 3.31 -21.96 -4.02
N TYR B 22 4.23 -21.00 -3.91
CA TYR B 22 4.15 -19.79 -4.72
C TYR B 22 4.25 -20.12 -6.19
N VAL B 23 3.30 -19.51 -6.92
CA VAL B 23 3.32 -19.57 -8.37
C VAL B 23 3.08 -18.15 -8.91
N ASP B 24 3.49 -17.93 -10.15
CA ASP B 24 3.33 -16.64 -10.81
C ASP B 24 1.86 -16.21 -10.85
N ILE B 25 1.63 -14.90 -10.62
CA ILE B 25 0.34 -14.32 -10.93
C ILE B 25 0.38 -13.97 -12.41
N PRO B 26 -0.46 -14.57 -13.29
CA PRO B 26 -0.36 -14.27 -14.72
C PRO B 26 -0.49 -12.79 -15.04
N GLY B 27 0.47 -12.30 -15.82
CA GLY B 27 0.44 -10.94 -16.33
C GLY B 27 1.18 -9.93 -15.47
N LEU B 28 1.52 -10.28 -14.22
CA LEU B 28 2.15 -9.31 -13.33
C LEU B 28 3.65 -9.53 -13.29
N LYS B 29 4.32 -9.18 -14.38
CA LYS B 29 5.75 -9.34 -14.57
C LYS B 29 6.31 -8.04 -15.14
N LEU B 30 7.50 -7.65 -14.66
CA LEU B 30 8.24 -6.52 -15.17
C LEU B 30 9.49 -7.00 -15.90
N ASP B 31 9.67 -6.47 -17.10
CA ASP B 31 10.87 -6.77 -17.89
C ASP B 31 11.88 -5.68 -17.56
N VAL B 32 12.96 -6.07 -16.88
CA VAL B 32 14.02 -5.14 -16.50
C VAL B 32 15.32 -5.47 -17.26
N SER B 33 15.19 -6.21 -18.39
CA SER B 33 16.37 -6.70 -19.10
C SER B 33 17.24 -5.56 -19.62
N LYS B 34 16.65 -4.42 -19.98
CA LYS B 34 17.41 -3.28 -20.47
C LYS B 34 18.30 -2.73 -19.35
N TYR B 35 17.96 -3.02 -18.08
CA TYR B 35 18.67 -2.47 -16.94
C TYR B 35 19.58 -3.48 -16.25
N SER B 36 19.61 -4.73 -16.72
CA SER B 36 20.37 -5.78 -16.09
C SER B 36 21.86 -5.42 -16.09
N ASN B 37 22.54 -5.83 -15.03
CA ASN B 37 23.96 -5.59 -14.81
C ASN B 37 24.26 -4.09 -14.87
N SER B 38 23.42 -3.29 -14.19
CA SER B 38 23.64 -1.86 -14.00
C SER B 38 23.99 -1.61 -12.55
N PRO B 39 25.30 -1.52 -12.21
CA PRO B 39 25.74 -1.54 -10.82
C PRO B 39 25.32 -0.34 -9.97
N CYS B 40 24.90 0.72 -10.65
CA CYS B 40 24.63 2.01 -10.07
CA CYS B 40 24.63 2.00 -10.03
C CYS B 40 23.13 2.28 -9.94
N LEU B 41 22.30 1.27 -10.21
CA LEU B 41 20.84 1.48 -10.22
C LEU B 41 20.14 0.57 -9.23
N THR B 42 19.05 1.10 -8.67
CA THR B 42 18.18 0.36 -7.76
C THR B 42 16.72 0.52 -8.22
N ALA B 43 15.93 -0.53 -8.06
CA ALA B 43 14.50 -0.53 -8.36
C ALA B 43 13.74 -0.60 -7.03
N LEU B 44 12.73 0.24 -6.86
CA LEU B 44 11.77 0.11 -5.80
C LEU B 44 10.49 -0.41 -6.40
N ILE B 45 10.12 -1.62 -5.99
CA ILE B 45 9.08 -2.37 -6.66
C ILE B 45 7.85 -2.37 -5.76
N THR B 46 6.68 -2.07 -6.33
CA THR B 46 5.44 -2.13 -5.58
C THR B 46 4.45 -3.06 -6.25
N LEU B 47 4.02 -4.07 -5.51
CA LEU B 47 2.94 -4.98 -5.95
C LEU B 47 1.65 -4.46 -5.34
N ASN B 48 0.67 -4.10 -6.17
CA ASN B 48 -0.58 -3.55 -5.70
C ASN B 48 -1.73 -4.47 -6.12
N ILE B 49 -2.33 -5.15 -5.15
CA ILE B 49 -3.49 -5.99 -5.40
CA ILE B 49 -3.49 -5.99 -5.41
C ILE B 49 -4.63 -5.41 -4.57
N PRO B 50 -5.35 -4.40 -5.11
CA PRO B 50 -6.24 -3.63 -4.25
C PRO B 50 -7.53 -4.34 -3.86
N THR B 51 -7.92 -5.42 -4.56
CA THR B 51 -9.26 -5.99 -4.38
C THR B 51 -9.27 -7.50 -4.40
N PRO B 52 -8.33 -8.21 -3.71
CA PRO B 52 -8.39 -9.69 -3.66
C PRO B 52 -9.38 -10.16 -2.63
N TYR B 53 -9.71 -11.44 -2.72
CA TYR B 53 -10.39 -12.15 -1.65
C TYR B 53 -9.93 -13.58 -1.63
N ALA B 54 -10.28 -14.33 -0.56
CA ALA B 54 -9.96 -15.74 -0.47
C ALA B 54 -11.19 -16.48 0.03
N SER B 55 -11.52 -17.59 -0.63
CA SER B 55 -12.58 -18.46 -0.15
C SER B 55 -11.96 -19.62 0.62
N GLY B 56 -12.78 -20.19 1.55
CA GLY B 56 -12.33 -21.36 2.27
C GLY B 56 -13.03 -21.45 3.63
N ASN B 57 -12.66 -22.47 4.39
CA ASN B 57 -13.40 -22.72 5.61
C ASN B 57 -12.46 -22.95 6.79
N ASN B 58 -11.24 -22.45 6.72
CA ASN B 58 -10.31 -22.59 7.83
C ASN B 58 -9.45 -21.32 7.93
N PHE B 59 -10.11 -20.22 8.30
CA PHE B 59 -9.45 -18.90 8.38
C PHE B 59 -8.70 -18.60 7.09
N PRO B 60 -9.44 -18.41 5.98
CA PRO B 60 -8.78 -18.33 4.69
C PRO B 60 -8.01 -17.02 4.56
N GLY B 61 -7.11 -17.04 3.56
CA GLY B 61 -6.38 -15.85 3.20
C GLY B 61 -5.54 -16.14 1.97
N GLY B 62 -4.65 -15.18 1.70
CA GLY B 62 -3.74 -15.33 0.57
C GLY B 62 -2.39 -14.75 0.89
N ASN B 63 -1.35 -15.36 0.33
CA ASN B 63 0.01 -14.87 0.40
C ASN B 63 0.47 -14.37 -0.96
N PHE B 64 1.34 -13.35 -0.93
CA PHE B 64 1.92 -12.72 -2.10
C PHE B 64 3.42 -12.48 -1.92
N ALA B 65 4.13 -12.56 -3.04
CA ALA B 65 5.56 -12.28 -3.02
C ALA B 65 5.98 -11.60 -4.32
N ILE B 66 7.16 -10.95 -4.21
CA ILE B 66 7.84 -10.35 -5.35
C ILE B 66 9.11 -11.18 -5.52
N VAL B 67 9.37 -11.72 -6.73
CA VAL B 67 10.39 -12.73 -6.96
CA VAL B 67 10.42 -12.71 -6.94
C VAL B 67 11.15 -12.40 -8.25
N THR B 68 12.44 -12.73 -8.31
CA THR B 68 13.18 -12.60 -9.55
C THR B 68 13.00 -13.85 -10.38
N ASP B 69 13.48 -13.76 -11.61
CA ASP B 69 13.45 -14.92 -12.50
C ASP B 69 14.41 -16.00 -12.05
N GLN B 70 15.29 -15.76 -11.07
CA GLN B 70 16.20 -16.78 -10.57
C GLN B 70 15.61 -17.41 -9.30
N GLY B 71 14.39 -17.01 -8.94
CA GLY B 71 13.68 -17.58 -7.80
C GLY B 71 13.95 -16.87 -6.47
N GLU B 72 14.63 -15.71 -6.47
CA GLU B 72 14.95 -15.01 -5.23
C GLU B 72 13.73 -14.23 -4.77
N GLN B 73 13.30 -14.51 -3.54
CA GLN B 73 12.13 -13.86 -2.99
C GLN B 73 12.56 -12.53 -2.36
N LEU B 74 12.10 -11.40 -2.90
CA LEU B 74 12.56 -10.09 -2.44
C LEU B 74 11.69 -9.57 -1.31
N ALA B 75 10.43 -10.00 -1.25
CA ALA B 75 9.48 -9.57 -0.23
C ALA B 75 8.30 -10.50 -0.23
N TYR B 76 7.54 -10.54 0.87
CA TYR B 76 6.34 -11.38 0.94
C TYR B 76 5.43 -10.81 2.02
N GLY B 77 4.16 -11.21 1.94
CA GLY B 77 3.19 -10.91 2.96
C GLY B 77 1.85 -11.44 2.56
N GLY B 78 0.81 -11.15 3.35
CA GLY B 78 -0.50 -11.71 3.05
C GLY B 78 -1.61 -11.12 3.90
N PHE B 79 -2.83 -11.49 3.51
CA PHE B 79 -4.03 -11.14 4.28
C PHE B 79 -4.65 -12.44 4.77
N THR B 80 -5.40 -12.34 5.90
CA THR B 80 -6.29 -13.41 6.35
C THR B 80 -7.50 -12.79 7.04
N TYR B 81 -8.63 -13.53 7.05
CA TYR B 81 -9.81 -13.14 7.77
C TYR B 81 -9.70 -13.60 9.21
N SER B 82 -10.55 -12.98 10.03
CA SER B 82 -10.51 -13.22 11.46
C SER B 82 -11.50 -14.30 11.87
N SER B 83 -12.36 -14.77 10.97
CA SER B 83 -13.32 -15.82 11.26
C SER B 83 -12.93 -17.11 10.54
N LYS B 84 -13.27 -18.26 11.13
CA LYS B 84 -12.97 -19.54 10.55
C LYS B 84 -13.61 -19.71 9.17
N ILE B 85 -14.89 -19.38 9.12
CA ILE B 85 -15.66 -19.47 7.90
C ILE B 85 -16.34 -18.13 7.68
N PRO B 86 -15.67 -17.21 6.95
CA PRO B 86 -16.30 -15.91 6.70
C PRO B 86 -17.66 -16.01 6.04
N GLU B 87 -18.60 -15.14 6.41
CA GLU B 87 -19.92 -15.16 5.80
C GLU B 87 -19.84 -14.88 4.31
N ASN B 88 -19.04 -13.89 3.92
CA ASN B 88 -18.88 -13.58 2.50
C ASN B 88 -17.51 -12.95 2.30
N SER B 89 -16.53 -13.77 1.92
CA SER B 89 -15.12 -13.39 1.91
CA SER B 89 -15.11 -13.40 1.87
C SER B 89 -14.94 -12.00 1.29
N GLY B 90 -14.59 -11.03 2.14
CA GLY B 90 -14.54 -9.64 1.77
C GLY B 90 -13.27 -9.29 0.98
N ARG B 91 -13.31 -8.13 0.37
CA ARG B 91 -12.14 -7.63 -0.37
C ARG B 91 -11.17 -6.98 0.60
N MET B 92 -9.91 -7.47 0.56
CA MET B 92 -8.88 -7.12 1.54
CA MET B 92 -8.90 -7.07 1.55
C MET B 92 -7.69 -6.50 0.82
N PRO B 93 -7.64 -5.15 0.65
CA PRO B 93 -6.61 -4.51 -0.17
C PRO B 93 -5.22 -4.89 0.32
N PHE B 94 -4.29 -5.11 -0.64
CA PHE B 94 -2.95 -5.55 -0.30
C PHE B 94 -1.92 -4.83 -1.16
N THR B 95 -0.86 -4.32 -0.53
CA THR B 95 0.25 -3.69 -1.17
C THR B 95 1.54 -4.22 -0.53
N LEU B 96 2.57 -4.44 -1.35
CA LEU B 96 3.87 -4.99 -0.94
C LEU B 96 4.97 -4.22 -1.65
N VAL B 97 5.99 -3.79 -0.90
CA VAL B 97 7.08 -3.02 -1.45
C VAL B 97 8.42 -3.73 -1.25
N ALA B 98 9.22 -3.79 -2.29
CA ALA B 98 10.52 -4.46 -2.29
C ALA B 98 11.56 -3.54 -2.92
N ARG B 99 12.83 -3.86 -2.61
CA ARG B 99 13.99 -3.21 -3.21
CA ARG B 99 13.96 -3.20 -3.24
C ARG B 99 14.77 -4.25 -4.01
N TYR B 100 15.31 -3.84 -5.15
CA TYR B 100 16.14 -4.72 -5.95
C TYR B 100 17.29 -3.96 -6.57
N SER B 101 18.50 -4.37 -6.24
CA SER B 101 19.69 -3.85 -6.90
C SER B 101 19.74 -4.41 -8.30
N LEU B 102 20.01 -3.57 -9.31
CA LEU B 102 20.09 -4.07 -10.68
C LEU B 102 21.49 -4.56 -11.02
N ALA B 103 22.33 -4.71 -10.02
CA ALA B 103 23.64 -5.37 -10.20
C ALA B 103 23.47 -6.87 -10.23
N SER B 104 22.88 -7.37 -11.32
CA SER B 104 22.47 -8.73 -11.42
C SER B 104 22.16 -8.99 -12.88
N ASN B 105 22.19 -10.26 -13.27
CA ASN B 105 21.83 -10.63 -14.62
C ASN B 105 20.33 -10.95 -14.73
N VAL B 106 19.55 -10.72 -13.66
CA VAL B 106 18.11 -10.92 -13.77
C VAL B 106 17.47 -10.09 -14.89
N SER B 107 16.48 -10.71 -15.57
CA SER B 107 15.71 -10.16 -16.68
C SER B 107 14.27 -9.78 -16.30
N THR B 108 13.67 -10.52 -15.36
CA THR B 108 12.27 -10.35 -15.01
C THR B 108 12.09 -10.33 -13.48
N ILE B 109 11.22 -9.43 -13.02
CA ILE B 109 10.73 -9.44 -11.65
CA ILE B 109 10.72 -9.40 -11.65
C ILE B 109 9.24 -9.69 -11.74
N LYS B 110 8.76 -10.62 -10.93
CA LYS B 110 7.34 -10.90 -11.05
C LYS B 110 6.65 -11.10 -9.71
N ALA B 111 5.33 -11.03 -9.80
CA ALA B 111 4.47 -11.26 -8.65
C ALA B 111 4.17 -12.75 -8.53
N GLN B 112 4.12 -13.28 -7.31
CA GLN B 112 3.71 -14.64 -7.04
C GLN B 112 2.65 -14.66 -5.94
N TRP B 113 1.84 -15.71 -5.93
CA TRP B 113 0.85 -15.94 -4.89
C TRP B 113 0.77 -17.40 -4.51
N SER B 114 0.21 -17.61 -3.33
CA SER B 114 -0.07 -18.94 -2.82
C SER B 114 -1.23 -18.88 -1.81
N ASN B 115 -1.79 -20.04 -1.46
CA ASN B 115 -2.95 -20.10 -0.57
C ASN B 115 -2.50 -20.30 0.88
N ILE B 116 -3.50 -20.33 1.76
CA ILE B 116 -3.22 -20.67 3.15
CA ILE B 116 -3.30 -20.54 3.19
C ILE B 116 -4.38 -21.51 3.68
N ARG B 117 -4.00 -22.55 4.45
CA ARG B 117 -5.01 -23.45 5.03
C ARG B 117 -6.06 -23.92 4.01
N GLY B 118 -5.62 -24.21 2.78
CA GLY B 118 -6.50 -24.76 1.78
C GLY B 118 -7.46 -23.80 1.13
N SER B 119 -7.21 -22.48 1.27
CA SER B 119 -8.03 -21.46 0.65
C SER B 119 -7.88 -21.45 -0.87
N THR B 120 -8.76 -20.68 -1.50
CA THR B 120 -8.56 -20.27 -2.88
C THR B 120 -8.50 -18.75 -2.89
N VAL B 121 -7.44 -18.23 -3.50
CA VAL B 121 -7.22 -16.79 -3.63
C VAL B 121 -7.74 -16.34 -4.98
N HIS B 122 -8.35 -15.15 -5.03
CA HIS B 122 -9.02 -14.65 -6.22
C HIS B 122 -8.61 -13.23 -6.57
N ILE B 123 -8.38 -12.97 -7.89
CA ILE B 123 -8.26 -11.65 -8.43
C ILE B 123 -9.19 -11.57 -9.64
N ASP B 124 -10.12 -10.61 -9.59
CA ASP B 124 -11.10 -10.46 -10.66
C ASP B 124 -11.20 -9.03 -11.18
N SER B 125 -10.15 -8.22 -10.93
CA SER B 125 -10.22 -6.80 -11.18
C SER B 125 -8.80 -6.26 -11.16
N TYR B 126 -8.65 -4.97 -11.42
CA TYR B 126 -7.37 -4.32 -11.60
C TYR B 126 -6.38 -4.65 -10.49
N ALA B 127 -5.15 -4.86 -10.91
CA ALA B 127 -3.98 -5.09 -10.06
C ALA B 127 -2.76 -4.65 -10.86
N SER B 128 -1.66 -4.32 -10.18
CA SER B 128 -0.48 -3.82 -10.87
C SER B 128 0.80 -4.21 -10.16
N ILE B 129 1.88 -4.24 -10.92
CA ILE B 129 3.23 -4.30 -10.39
C ILE B 129 4.03 -3.20 -11.07
N SER B 130 4.86 -2.52 -10.31
CA SER B 130 5.54 -1.34 -10.80
C SER B 130 6.93 -1.19 -10.18
N ALA B 131 7.80 -0.46 -10.86
CA ALA B 131 9.08 -0.11 -10.28
C ALA B 131 9.48 1.29 -10.68
N VAL B 132 10.08 1.98 -9.72
CA VAL B 132 10.80 3.23 -9.92
C VAL B 132 12.27 2.87 -9.94
N ILE B 133 12.97 3.17 -11.04
CA ILE B 133 14.38 2.79 -11.18
C ILE B 133 15.21 4.07 -11.15
N GLN B 134 16.13 4.14 -10.18
CA GLN B 134 16.89 5.37 -9.97
C GLN B 134 18.35 5.05 -9.77
N CYS B 135 19.20 6.01 -10.19
N CYS B 135 19.19 6.01 -10.20
CA CYS B 135 20.61 5.96 -9.87
CA CYS B 135 20.59 6.03 -9.86
C CYS B 135 20.75 6.14 -8.37
C CYS B 135 20.69 6.09 -8.34
N ASN B 136 21.69 5.39 -7.80
CA ASN B 136 21.94 5.38 -6.36
C ASN B 136 22.43 6.76 -5.92
N GLN B 137 23.03 7.57 -6.82
CA GLN B 137 23.47 8.92 -6.48
C GLN B 137 22.63 9.99 -7.19
N SER C 2 10.51 13.98 -10.74
CA SER C 2 9.90 14.89 -9.75
C SER C 2 8.74 14.24 -9.01
N ILE C 3 8.34 14.87 -7.90
CA ILE C 3 7.27 14.40 -7.04
C ILE C 3 6.16 15.43 -7.04
N VAL C 4 4.91 14.99 -7.24
CA VAL C 4 3.74 15.80 -7.00
C VAL C 4 2.96 15.12 -5.87
N PHE C 5 2.34 15.91 -4.99
CA PHE C 5 1.75 15.35 -3.78
C PHE C 5 0.60 16.21 -3.31
N ALA C 6 -0.44 15.56 -2.76
CA ALA C 6 -1.49 16.24 -2.06
C ALA C 6 -1.96 15.34 -0.94
N SER C 7 -2.28 15.95 0.21
CA SER C 7 -2.88 15.22 1.31
C SER C 7 -4.05 15.97 1.93
N ILE C 8 -4.85 15.22 2.64
CA ILE C 8 -5.93 15.76 3.45
C ILE C 8 -5.85 15.11 4.82
N ASP C 9 -6.51 15.74 5.81
CA ASP C 9 -6.62 15.16 7.15
C ASP C 9 -7.94 15.64 7.74
N PRO C 10 -9.07 15.09 7.29
CA PRO C 10 -10.36 15.71 7.63
C PRO C 10 -10.95 15.29 8.97
N ARG C 11 -10.21 15.53 10.03
CA ARG C 11 -10.64 15.15 11.37
C ARG C 11 -11.81 16.01 11.86
N SER C 12 -11.72 17.34 11.72
CA SER C 12 -12.78 18.16 12.30
C SER C 12 -14.03 18.22 11.40
N ASN C 13 -13.90 17.95 10.09
CA ASN C 13 -15.03 17.85 9.19
C ASN C 13 -14.91 16.60 8.31
N PRO C 14 -15.26 15.41 8.82
CA PRO C 14 -15.05 14.19 8.05
C PRO C 14 -15.75 14.22 6.70
N LEU C 15 -15.26 13.38 5.78
CA LEU C 15 -15.78 13.23 4.43
C LEU C 15 -16.56 11.94 4.40
N GLN C 16 -17.63 11.96 3.61
CA GLN C 16 -18.47 10.78 3.41
C GLN C 16 -19.10 10.82 2.02
N THR C 17 -19.44 9.62 1.51
CA THR C 17 -20.25 9.51 0.30
C THR C 17 -21.17 8.30 0.40
N SER C 18 -22.40 8.47 -0.12
CA SER C 18 -23.31 7.38 -0.38
C SER C 18 -23.62 7.33 -1.88
N SER C 19 -22.73 7.93 -2.68
CA SER C 19 -22.88 7.97 -4.12
C SER C 19 -22.59 6.61 -4.73
N GLN C 20 -23.51 6.12 -5.55
CA GLN C 20 -23.29 4.90 -6.30
C GLN C 20 -22.28 5.14 -7.43
N ASN C 21 -22.21 6.37 -7.97
CA ASN C 21 -21.24 6.64 -9.01
C ASN C 21 -20.02 7.33 -8.40
N TYR C 22 -18.88 7.14 -9.06
CA TYR C 22 -17.65 7.73 -8.62
C TYR C 22 -17.81 9.24 -8.60
N VAL C 23 -17.36 9.86 -7.50
CA VAL C 23 -17.34 11.29 -7.31
C VAL C 23 -15.97 11.66 -6.73
N ASP C 24 -15.50 12.89 -6.97
CA ASP C 24 -14.21 13.31 -6.51
C ASP C 24 -14.12 13.24 -4.99
N ILE C 25 -12.95 12.82 -4.50
CA ILE C 25 -12.65 13.07 -3.11
C ILE C 25 -11.99 14.44 -3.00
N PRO C 26 -12.62 15.44 -2.34
CA PRO C 26 -12.05 16.78 -2.31
C PRO C 26 -10.68 16.83 -1.65
N GLY C 27 -9.76 17.52 -2.30
CA GLY C 27 -8.42 17.72 -1.80
C GLY C 27 -7.42 16.71 -2.36
N LEU C 28 -7.89 15.61 -2.97
CA LEU C 28 -6.94 14.58 -3.45
C LEU C 28 -6.81 14.68 -4.96
N LYS C 29 -6.17 15.75 -5.40
CA LYS C 29 -5.98 16.09 -6.79
C LYS C 29 -4.54 16.53 -6.98
N LEU C 30 -3.91 16.09 -8.07
CA LEU C 30 -2.55 16.44 -8.47
C LEU C 30 -2.63 17.28 -9.74
N ASP C 31 -1.94 18.41 -9.70
CA ASP C 31 -1.76 19.26 -10.87
C ASP C 31 -0.52 18.80 -11.63
N VAL C 32 -0.73 18.22 -12.83
CA VAL C 32 0.34 17.77 -13.71
C VAL C 32 0.43 18.65 -14.97
N SER C 33 -0.16 19.85 -14.92
CA SER C 33 -0.21 20.87 -15.98
C SER C 33 1.10 20.97 -16.76
N LYS C 34 2.16 21.20 -16.01
CA LYS C 34 3.49 21.50 -16.52
C LYS C 34 4.06 20.33 -17.32
N TYR C 35 3.53 19.11 -17.17
CA TYR C 35 4.12 17.94 -17.79
C TYR C 35 3.32 17.42 -18.97
N SER C 36 2.16 18.03 -19.24
CA SER C 36 1.32 17.59 -20.35
C SER C 36 2.05 17.76 -21.69
N ASN C 37 1.61 16.98 -22.68
CA ASN C 37 2.17 17.00 -24.02
C ASN C 37 3.66 16.68 -23.98
N SER C 38 4.06 15.65 -23.20
CA SER C 38 5.45 15.22 -23.20
C SER C 38 5.57 13.75 -23.58
N LEU C 41 7.45 11.45 -20.85
CA LEU C 41 7.23 11.40 -19.38
C LEU C 41 6.06 10.47 -19.04
N THR C 42 6.24 9.74 -17.93
CA THR C 42 5.23 8.88 -17.31
C THR C 42 5.11 9.28 -15.85
N ALA C 43 3.87 9.23 -15.32
CA ALA C 43 3.56 9.41 -13.91
C ALA C 43 3.15 8.05 -13.32
N LEU C 44 3.76 7.71 -12.17
CA LEU C 44 3.36 6.56 -11.35
C LEU C 44 2.66 7.14 -10.14
N ILE C 45 1.36 6.85 -10.03
CA ILE C 45 0.44 7.52 -9.13
C ILE C 45 -0.02 6.55 -8.05
N THR C 46 0.12 6.94 -6.79
CA THR C 46 -0.29 6.15 -5.63
C THR C 46 -1.35 6.93 -4.86
N LEU C 47 -2.52 6.31 -4.73
CA LEU C 47 -3.58 6.77 -3.85
C LEU C 47 -3.50 5.99 -2.55
N ASN C 48 -3.36 6.66 -1.42
CA ASN C 48 -3.17 6.07 -0.12
C ASN C 48 -4.31 6.54 0.77
N ILE C 49 -5.24 5.62 1.08
CA ILE C 49 -6.35 5.89 1.98
CA ILE C 49 -6.32 5.92 2.02
C ILE C 49 -6.20 4.92 3.15
N PRO C 50 -5.32 5.22 4.13
CA PRO C 50 -4.91 4.22 5.11
C PRO C 50 -5.96 3.82 6.16
N THR C 51 -7.01 4.63 6.37
CA THR C 51 -7.92 4.38 7.49
C THR C 51 -9.37 4.63 7.11
N PRO C 52 -9.89 4.10 6.00
CA PRO C 52 -11.30 4.29 5.68
C PRO C 52 -12.15 3.26 6.39
N TYR C 53 -13.47 3.53 6.39
CA TYR C 53 -14.43 2.51 6.78
C TYR C 53 -15.74 2.76 6.03
N ALA C 54 -16.64 1.78 6.04
CA ALA C 54 -17.95 1.96 5.43
C ALA C 54 -19.02 1.39 6.34
N SER C 55 -20.08 2.18 6.49
CA SER C 55 -21.23 1.80 7.30
C SER C 55 -22.29 1.24 6.38
N GLY C 56 -23.05 0.30 6.91
CA GLY C 56 -24.19 -0.25 6.17
C GLY C 56 -24.60 -1.61 6.71
N ASN C 57 -25.59 -2.25 6.06
CA ASN C 57 -26.13 -3.49 6.61
C ASN C 57 -26.25 -4.59 5.55
N ASN C 58 -25.49 -4.50 4.45
CA ASN C 58 -25.55 -5.46 3.38
C ASN C 58 -24.13 -5.60 2.79
N PHE C 59 -23.24 -6.15 3.62
CA PHE C 59 -21.84 -6.39 3.23
C PHE C 59 -21.21 -5.06 2.75
N PRO C 60 -21.14 -4.02 3.59
CA PRO C 60 -20.73 -2.71 3.13
C PRO C 60 -19.24 -2.70 2.73
N GLY C 61 -18.92 -1.67 1.97
CA GLY C 61 -17.55 -1.43 1.55
C GLY C 61 -17.48 -0.12 0.78
N GLY C 62 -16.31 0.16 0.22
CA GLY C 62 -16.08 1.37 -0.54
C GLY C 62 -15.18 1.05 -1.73
N ASN C 63 -15.42 1.76 -2.84
CA ASN C 63 -14.59 1.70 -4.02
C ASN C 63 -13.87 3.02 -4.22
N PHE C 64 -12.66 2.93 -4.79
CA PHE C 64 -11.81 4.08 -5.08
C PHE C 64 -11.23 3.94 -6.49
N ALA C 65 -10.98 5.09 -7.12
CA ALA C 65 -10.36 5.13 -8.44
C ALA C 65 -9.41 6.31 -8.55
N ILE C 66 -8.47 6.16 -9.47
CA ILE C 66 -7.63 7.23 -9.97
C ILE C 66 -8.06 7.55 -11.39
N VAL C 67 -8.39 8.83 -11.61
CA VAL C 67 -9.00 9.29 -12.85
CA VAL C 67 -8.98 9.27 -12.86
C VAL C 67 -8.27 10.54 -13.34
N THR C 68 -8.25 10.74 -14.65
CA THR C 68 -7.71 11.98 -15.21
C THR C 68 -8.88 12.95 -15.38
N ASP C 69 -8.54 14.22 -15.67
CA ASP C 69 -9.58 15.18 -16.08
C ASP C 69 -10.15 14.81 -17.46
N GLN C 70 -9.56 13.91 -18.23
CA GLN C 70 -10.19 13.49 -19.49
C GLN C 70 -11.31 12.45 -19.25
N GLY C 71 -11.57 12.10 -17.98
CA GLY C 71 -12.53 11.07 -17.60
C GLY C 71 -11.98 9.64 -17.73
N GLU C 72 -10.67 9.48 -17.83
CA GLU C 72 -10.08 8.18 -18.02
C GLU C 72 -9.83 7.56 -16.64
N GLN C 73 -10.42 6.40 -16.42
CA GLN C 73 -10.20 5.66 -15.18
C GLN C 73 -8.94 4.82 -15.36
N LEU C 74 -7.88 5.17 -14.63
CA LEU C 74 -6.59 4.53 -14.79
C LEU C 74 -6.44 3.30 -13.90
N ALA C 75 -7.21 3.27 -12.80
CA ALA C 75 -7.12 2.19 -11.81
C ALA C 75 -8.34 2.30 -10.91
N TYR C 76 -8.76 1.16 -10.35
CA TYR C 76 -9.84 1.13 -9.41
C TYR C 76 -9.70 -0.10 -8.51
N GLY C 77 -10.33 -0.05 -7.33
CA GLY C 77 -10.36 -1.21 -6.45
C GLY C 77 -11.18 -0.83 -5.21
N GLY C 78 -11.28 -1.73 -4.25
CA GLY C 78 -12.06 -1.41 -3.08
C GLY C 78 -11.90 -2.41 -1.97
N PHE C 79 -12.52 -2.07 -0.85
CA PHE C 79 -12.61 -2.95 0.30
C PHE C 79 -14.06 -3.28 0.63
N THR C 80 -14.26 -4.48 1.16
CA THR C 80 -15.56 -4.86 1.72
C THR C 80 -15.32 -5.69 2.97
N TYR C 81 -16.34 -5.69 3.85
CA TYR C 81 -16.33 -6.55 5.02
C TYR C 81 -16.87 -7.96 4.75
N SER C 82 -16.47 -8.94 5.56
CA SER C 82 -16.85 -10.34 5.41
C SER C 82 -18.17 -10.67 6.12
N SER C 83 -18.67 -9.76 6.92
CA SER C 83 -19.95 -9.97 7.58
C SER C 83 -21.01 -9.12 6.92
N LYS C 84 -22.26 -9.60 6.90
CA LYS C 84 -23.32 -8.76 6.36
C LYS C 84 -23.53 -7.44 7.09
N ILE C 85 -23.62 -7.51 8.43
CA ILE C 85 -23.78 -6.33 9.29
C ILE C 85 -22.63 -6.29 10.28
N PRO C 86 -21.53 -5.60 9.92
CA PRO C 86 -20.36 -5.54 10.80
C PRO C 86 -20.82 -4.98 12.14
N GLU C 87 -20.25 -5.53 13.22
CA GLU C 87 -20.57 -5.04 14.56
C GLU C 87 -20.18 -3.56 14.68
N ASN C 88 -18.96 -3.21 14.28
CA ASN C 88 -18.49 -1.82 14.30
C ASN C 88 -17.51 -1.67 13.13
N SER C 89 -17.99 -1.28 11.98
CA SER C 89 -17.22 -1.25 10.73
C SER C 89 -15.79 -0.79 10.93
N GLY C 90 -14.85 -1.73 10.73
CA GLY C 90 -13.45 -1.49 11.05
C GLY C 90 -12.70 -0.74 9.95
N ARG C 91 -11.49 -0.34 10.31
CA ARG C 91 -10.65 0.43 9.42
C ARG C 91 -9.88 -0.53 8.51
N MET C 92 -10.02 -0.36 7.18
CA MET C 92 -9.50 -1.31 6.22
CA MET C 92 -9.57 -1.29 6.16
C MET C 92 -8.57 -0.55 5.26
N PRO C 93 -7.27 -0.55 5.55
CA PRO C 93 -6.31 0.24 4.78
C PRO C 93 -6.35 -0.05 3.29
N PHE C 94 -6.27 1.02 2.48
CA PHE C 94 -6.42 0.89 1.05
C PHE C 94 -5.33 1.70 0.33
N THR C 95 -4.66 1.08 -0.64
CA THR C 95 -3.68 1.72 -1.51
C THR C 95 -3.96 1.21 -2.94
N LEU C 96 -3.85 2.16 -3.90
CA LEU C 96 -4.04 1.89 -5.33
C LEU C 96 -2.93 2.55 -6.12
N VAL C 97 -2.35 1.86 -7.13
CA VAL C 97 -1.26 2.37 -7.92
C VAL C 97 -1.60 2.30 -9.39
N ALA C 98 -1.43 3.44 -10.06
CA ALA C 98 -1.69 3.58 -11.49
C ALA C 98 -0.49 4.16 -12.23
N ARG C 99 -0.54 4.07 -13.57
CA ARG C 99 0.46 4.68 -14.44
C ARG C 99 -0.27 5.58 -15.44
N TYR C 100 0.37 6.67 -15.84
CA TYR C 100 -0.18 7.48 -16.90
C TYR C 100 0.93 8.08 -17.74
N SER C 101 0.86 7.86 -19.08
CA SER C 101 1.71 8.55 -20.05
C SER C 101 1.24 9.99 -20.17
N LEU C 102 2.18 10.94 -20.06
CA LEU C 102 1.87 12.36 -20.08
C LEU C 102 1.97 12.92 -21.51
N ALA C 103 1.79 12.05 -22.53
CA ALA C 103 1.74 12.44 -23.94
C ALA C 103 0.50 13.28 -24.27
N SER C 104 -0.56 13.17 -23.46
CA SER C 104 -1.84 13.77 -23.77
C SER C 104 -1.89 15.17 -23.15
N ASN C 105 -3.07 15.81 -23.20
CA ASN C 105 -3.26 17.18 -22.75
C ASN C 105 -3.81 17.27 -21.32
N VAL C 106 -3.70 16.17 -20.54
CA VAL C 106 -4.15 16.11 -19.16
C VAL C 106 -3.57 17.24 -18.30
N SER C 107 -4.39 17.78 -17.40
CA SER C 107 -3.98 18.78 -16.42
C SER C 107 -4.01 18.25 -14.97
N THR C 108 -4.95 17.34 -14.67
CA THR C 108 -5.24 16.93 -13.30
C THR C 108 -5.40 15.41 -13.26
N ILE C 109 -4.79 14.81 -12.22
CA ILE C 109 -5.05 13.41 -11.89
C ILE C 109 -5.57 13.39 -10.47
N LYS C 110 -6.70 12.71 -10.24
CA LYS C 110 -7.38 12.84 -8.98
C LYS C 110 -8.00 11.53 -8.51
N ALA C 111 -8.37 11.54 -7.26
CA ALA C 111 -8.99 10.42 -6.63
C ALA C 111 -10.51 10.54 -6.68
N GLN C 112 -11.17 9.40 -6.88
CA GLN C 112 -12.63 9.35 -6.74
C GLN C 112 -13.04 8.16 -5.86
N TRP C 113 -14.27 8.21 -5.35
CA TRP C 113 -14.83 7.15 -4.54
C TRP C 113 -16.31 6.99 -4.84
N SER C 114 -16.78 5.80 -4.45
CA SER C 114 -18.19 5.40 -4.60
C SER C 114 -18.51 4.34 -3.53
N ASN C 115 -19.81 4.11 -3.27
CA ASN C 115 -20.25 3.18 -2.27
C ASN C 115 -20.51 1.82 -2.92
N ILE C 116 -20.94 0.87 -2.08
CA ILE C 116 -21.35 -0.44 -2.56
C ILE C 116 -22.52 -0.94 -1.72
N ARG C 117 -23.55 -1.48 -2.40
CA ARG C 117 -24.71 -2.03 -1.72
C ARG C 117 -25.30 -1.02 -0.74
N GLY C 118 -25.38 0.25 -1.13
CA GLY C 118 -26.03 1.25 -0.31
C GLY C 118 -25.23 1.73 0.90
N SER C 119 -23.94 1.42 0.94
CA SER C 119 -23.14 1.83 2.07
C SER C 119 -22.91 3.33 2.10
N THR C 120 -22.34 3.82 3.20
CA THR C 120 -21.74 5.14 3.28
C THR C 120 -20.24 4.94 3.55
N VAL C 121 -19.40 5.52 2.68
CA VAL C 121 -17.94 5.42 2.88
C VAL C 121 -17.48 6.67 3.62
N HIS C 122 -16.47 6.53 4.47
CA HIS C 122 -16.03 7.59 5.37
C HIS C 122 -14.50 7.71 5.33
N ILE C 123 -14.00 8.96 5.33
CA ILE C 123 -12.60 9.27 5.60
C ILE C 123 -12.62 10.36 6.66
N ASP C 124 -11.95 10.13 7.78
CA ASP C 124 -11.89 11.12 8.86
C ASP C 124 -10.47 11.29 9.38
N SER C 125 -9.48 10.96 8.55
CA SER C 125 -8.08 11.08 8.98
C SER C 125 -7.22 11.14 7.73
N TYR C 126 -5.90 11.25 7.93
CA TYR C 126 -4.96 11.45 6.87
C TYR C 126 -5.15 10.50 5.68
N ALA C 127 -4.98 11.07 4.49
CA ALA C 127 -4.94 10.33 3.24
C ALA C 127 -4.17 11.14 2.23
N SER C 128 -3.61 10.51 1.19
CA SER C 128 -2.76 11.21 0.24
C SER C 128 -2.88 10.66 -1.18
N ILE C 129 -2.55 11.50 -2.16
CA ILE C 129 -2.31 11.05 -3.51
C ILE C 129 -0.97 11.63 -3.94
N SER C 130 -0.19 10.86 -4.68
CA SER C 130 1.15 11.24 -5.02
C SER C 130 1.54 10.68 -6.36
N ALA C 131 2.52 11.33 -6.99
CA ALA C 131 3.07 10.77 -8.19
C ALA C 131 4.56 11.02 -8.27
N VAL C 132 5.24 10.06 -8.87
CA VAL C 132 6.61 10.18 -9.32
C VAL C 132 6.56 10.32 -10.83
N ILE C 133 7.13 11.42 -11.32
CA ILE C 133 7.15 11.70 -12.74
C ILE C 133 8.57 11.54 -13.24
N GLN C 134 8.73 10.69 -14.24
CA GLN C 134 10.05 10.31 -14.74
C GLN C 134 10.09 10.25 -16.25
N CYS C 135 11.29 10.45 -16.81
CA CYS C 135 11.53 10.20 -18.22
C CYS C 135 11.44 8.69 -18.44
N ASN C 136 10.88 8.30 -19.59
CA ASN C 136 11.13 6.97 -20.13
C ASN C 136 12.54 6.97 -20.76
#